data_5EW4
#
_entry.id   5EW4
#
_cell.length_a   41.020
_cell.length_b   47.615
_cell.length_c   58.900
_cell.angle_alpha   90.000
_cell.angle_beta   90.000
_cell.angle_gamma   90.000
#
_symmetry.space_group_name_H-M   'P 21 21 21'
#
loop_
_entity.id
_entity.type
_entity.pdbx_description
1 polymer "RNA (5'-R(*CP*CP*CP*CP*GP*GP*CP*CP*CP*CP*GP*GP*CP*CP*CP*CP*GP*GP*CP*CP*CP*C)-3')"
2 non-polymer 'POTASSIUM ION'
3 non-polymer 'STRONTIUM ION'
4 non-polymer 'MAGNESIUM ION'
5 non-polymer 'CHLORIDE ION'
6 water water
#
_entity_poly.entity_id   1
_entity_poly.type   'polyribonucleotide'
_entity_poly.pdbx_seq_one_letter_code
;CCCCGGCCCCGGCCCCGGCCCC
;
_entity_poly.pdbx_strand_id   A,B
#
loop_
_chem_comp.id
_chem_comp.type
_chem_comp.name
_chem_comp.formula
C RNA linking CYTIDINE-5'-MONOPHOSPHATE 'C9 H14 N3 O8 P'
CL non-polymer 'CHLORIDE ION' 'Cl -1'
G RNA linking GUANOSINE-5'-MONOPHOSPHATE 'C10 H14 N5 O8 P'
K non-polymer 'POTASSIUM ION' 'K 1'
MG non-polymer 'MAGNESIUM ION' 'Mg 2'
SR non-polymer 'STRONTIUM ION' 'Sr 2'
#
# COMPACT_ATOMS: atom_id res chain seq x y z
K K C . -2.28 3.14 15.24
K K D . 17.08 -2.89 -18.05
SR SR E . -12.82 -4.32 4.10
MG MG F . 14.81 -3.83 -3.45
MG MG G . 5.86 -5.91 -5.93
K K H . -16.21 2.99 9.06
K K I . -1.39 2.65 9.34
K K J . 3.12 1.62 -20.56
K K K . -5.30 0.08 10.20
K K L . -9.59 1.81 11.84
K K M . 3.89 -4.26 -2.61
K K N . -1.02 9.06 9.93
CL CL O . 3.84 -0.13 -19.09
#